data_9P9U
#
_entry.id   9P9U
#
_cell.length_a   1.00
_cell.length_b   1.00
_cell.length_c   1.00
_cell.angle_alpha   90.00
_cell.angle_beta   90.00
_cell.angle_gamma   90.00
#
_symmetry.space_group_name_H-M   'P 1'
#
loop_
_entity.id
_entity.type
_entity.pdbx_description
1 polymer 'Epidermal growth factor receptor'
2 non-polymer 3-(furan-2-yl)-N-[5-(furan-2-yl)-2-methoxyphenyl]-1H-pyrazolo[3,4-d]pyrimidin-4-amine
#
_entity_poly.entity_id   1
_entity_poly.type   'polypeptide(L)'
_entity_poly.pdbx_seq_one_letter_code
;GEAPNQALLRILKETEFKKIKVLGSGAFGTVYKGLWIPEGEKVKIPVAIKELREATSPKANKEILDEAYVMASVDNPHVC
RLLGICLTSTVQLITQLMPFGCLLDYVREHKDNIGSQYLLNWCVQIAKGMNYLEDRRLVHRDLAARNVLVKTPQHVKITD
FGLAKLLGAEEKEYHAEGGKVPIKWMALESILHRIYTHQSDVWSYGVTVWELMTFGSKPYDGIPASEISSILEKGERLPQ
PPICTIDVYMIMVKCWMIDADSRPKFRELIIEFSKMARDPQRYLVIQGDERMHLPSPTDSNFYRALMDEEDMDDVVDADE
YLIPQQGFFSSPSTSRTPLLSSLLVEPLTPSGEAPNQALLRILKETEFKKIKVLGSGAFGTVYKGLWIPEGEKVKIPVAI
KELREATSPKANKEILDEAYVMASVDNPHVCRLLGICLTSTVQLITQLMPFGCLLDYVREHKDNIGSQYLLNWCVQIAKG
MNYLEDRRLVHRDLAARNVLVKTPQHVKITDFGLAKLLGAEEKEYHAEGGKVPIKWMALESILHRIYTHQSDVWSYGVTV
WELMTFGSKPYDGIPASEISSILEKGERLPQPPICTIDVYMIMVKCWMIDADSRPKFRELIIEFSKMARDPQRYLVIQGD
ERMHLPSPTDSNFYRALMDEEDMDDVVDADEYLIPQQG
;
_entity_poly.pdbx_strand_id   A
#
loop_
_chem_comp.id
_chem_comp.type
_chem_comp.name
_chem_comp.formula
6JS non-polymer 3-(furan-2-yl)-N-[5-(furan-2-yl)-2-methoxyphenyl]-1H-pyrazolo[3,4-d]pyrimidin-4-amine 'C20 H15 N5 O3'
#
# COMPACT_ATOMS: atom_id res chain seq x y z
N LEU A 8 44.05 -4.24 -2.27
CA LEU A 8 42.64 -4.45 -2.60
C LEU A 8 42.37 -5.92 -2.89
N LEU A 9 43.15 -6.50 -3.79
CA LEU A 9 42.98 -7.88 -4.24
C LEU A 9 44.14 -8.71 -3.73
N ARG A 10 43.82 -9.86 -3.15
CA ARG A 10 44.83 -10.79 -2.65
C ARG A 10 44.80 -12.06 -3.50
N ILE A 11 45.84 -12.27 -4.29
CA ILE A 11 46.01 -13.53 -4.99
C ILE A 11 46.58 -14.54 -4.01
N LEU A 12 45.81 -15.59 -3.73
CA LEU A 12 46.15 -16.53 -2.67
C LEU A 12 46.44 -17.90 -3.24
N LYS A 13 47.33 -18.63 -2.56
CA LYS A 13 47.65 -19.99 -2.91
C LYS A 13 46.79 -20.96 -2.09
N GLU A 14 46.63 -22.17 -2.62
CA GLU A 14 45.85 -23.17 -1.91
C GLU A 14 46.48 -23.56 -0.58
N THR A 15 47.80 -23.41 -0.46
CA THR A 15 48.51 -23.80 0.76
C THR A 15 48.18 -22.92 1.95
N GLU A 16 47.57 -21.76 1.74
CA GLU A 16 47.30 -20.86 2.85
C GLU A 16 46.13 -21.32 3.70
N PHE A 17 45.13 -21.98 3.12
CA PHE A 17 43.90 -22.30 3.82
C PHE A 17 43.60 -23.79 3.73
N LYS A 18 42.95 -24.30 4.77
CA LYS A 18 42.47 -25.68 4.81
C LYS A 18 41.01 -25.67 5.22
N LYS A 19 40.17 -26.38 4.47
CA LYS A 19 38.75 -26.42 4.77
C LYS A 19 38.47 -27.26 6.01
N ILE A 20 37.33 -27.00 6.63
CA ILE A 20 36.94 -27.71 7.85
C ILE A 20 35.61 -28.43 7.64
N LYS A 21 34.55 -27.67 7.35
CA LYS A 21 33.22 -28.24 7.24
C LYS A 21 32.42 -27.47 6.20
N VAL A 22 31.59 -28.18 5.46
CA VAL A 22 30.68 -27.56 4.50
C VAL A 22 29.52 -26.93 5.27
N LEU A 23 29.24 -25.67 4.97
CA LEU A 23 28.15 -24.95 5.64
C LEU A 23 26.87 -24.91 4.83
N GLY A 24 26.96 -24.86 3.51
CA GLY A 24 25.76 -24.79 2.69
C GLY A 24 26.12 -24.95 1.23
N SER A 25 25.06 -25.00 0.41
CA SER A 25 25.21 -25.15 -1.03
C SER A 25 24.52 -23.99 -1.73
N GLY A 26 25.18 -23.45 -2.75
CA GLY A 26 24.66 -22.34 -3.51
C GLY A 26 24.21 -22.75 -4.90
N ALA A 27 23.87 -21.72 -5.70
CA ALA A 27 23.43 -21.97 -7.07
C ALA A 27 24.53 -22.58 -7.91
N PHE A 28 25.77 -22.08 -7.76
CA PHE A 28 26.89 -22.57 -8.56
C PHE A 28 27.82 -23.49 -7.78
N GLY A 29 27.87 -23.37 -6.46
CA GLY A 29 28.77 -24.20 -5.69
C GLY A 29 28.49 -24.05 -4.20
N THR A 30 29.20 -24.85 -3.42
CA THR A 30 29.00 -24.93 -1.99
C THR A 30 30.02 -24.07 -1.25
N VAL A 31 29.59 -23.53 -0.12
CA VAL A 31 30.44 -22.69 0.72
C VAL A 31 31.08 -23.56 1.79
N TYR A 32 32.40 -23.44 1.94
CA TYR A 32 33.16 -24.22 2.89
C TYR A 32 33.65 -23.32 4.01
N LYS A 33 33.42 -23.75 5.25
CA LYS A 33 34.00 -23.06 6.39
C LYS A 33 35.43 -23.56 6.57
N GLY A 34 36.38 -22.62 6.61
CA GLY A 34 37.78 -23.00 6.70
C GLY A 34 38.58 -21.90 7.37
N LEU A 35 39.80 -22.26 7.75
CA LEU A 35 40.72 -21.34 8.42
C LEU A 35 41.82 -20.94 7.45
N TRP A 36 41.97 -19.63 7.24
CA TRP A 36 42.97 -19.09 6.33
C TRP A 36 44.21 -18.68 7.10
N ILE A 37 45.37 -19.04 6.57
CA ILE A 37 46.65 -18.61 7.16
C ILE A 37 47.30 -17.63 6.19
N PRO A 38 47.19 -16.32 6.44
CA PRO A 38 47.88 -15.35 5.58
C PRO A 38 49.36 -15.66 5.48
N GLU A 39 49.95 -15.28 4.34
CA GLU A 39 51.37 -15.51 4.12
C GLU A 39 52.22 -14.84 5.19
N GLY A 40 53.18 -15.58 5.72
CA GLY A 40 54.06 -15.07 6.76
C GLY A 40 53.40 -14.80 8.10
N GLU A 41 52.16 -15.23 8.28
CA GLU A 41 51.40 -14.93 9.49
C GLU A 41 50.98 -16.21 10.19
N LYS A 42 50.71 -16.10 11.48
CA LYS A 42 50.26 -17.23 12.29
C LYS A 42 48.80 -17.13 12.72
N VAL A 43 48.18 -15.95 12.62
CA VAL A 43 46.78 -15.81 12.98
C VAL A 43 45.92 -16.53 11.96
N LYS A 44 45.02 -17.39 12.44
CA LYS A 44 44.18 -18.22 11.58
C LYS A 44 42.80 -17.58 11.53
N ILE A 45 42.52 -16.90 10.43
CA ILE A 45 41.29 -16.14 10.26
C ILE A 45 40.21 -17.09 9.76
N PRO A 46 39.08 -17.22 10.45
CA PRO A 46 37.97 -18.05 9.95
C PRO A 46 37.33 -17.39 8.74
N VAL A 47 37.43 -18.06 7.59
CA VAL A 47 36.91 -17.54 6.33
C VAL A 47 35.99 -18.57 5.69
N ALA A 48 35.23 -18.11 4.70
CA ALA A 48 34.35 -18.97 3.93
C ALA A 48 34.85 -19.04 2.49
N ILE A 49 34.91 -20.26 1.95
CA ILE A 49 35.42 -20.50 0.61
C ILE A 49 34.28 -21.03 -0.25
N LYS A 50 34.08 -20.42 -1.41
CA LYS A 50 33.07 -20.83 -2.36
C LYS A 50 33.77 -21.33 -3.62
N GLU A 51 33.44 -22.56 -4.02
CA GLU A 51 34.03 -23.18 -5.20
C GLU A 51 32.95 -23.32 -6.27
N LEU A 52 33.22 -22.78 -7.46
CA LEU A 52 32.27 -22.81 -8.56
C LEU A 52 32.39 -24.13 -9.31
N ARG A 53 31.26 -24.81 -9.51
CA ARG A 53 31.24 -26.12 -10.17
C ARG A 53 31.45 -25.91 -11.66
N GLU A 54 32.68 -25.52 -12.01
CA GLU A 54 33.04 -25.21 -13.38
C GLU A 54 34.15 -26.14 -13.89
N LYS A 62 39.97 -13.09 -18.76
CA LYS A 62 39.65 -13.55 -17.41
C LYS A 62 38.65 -12.62 -16.74
N GLU A 63 37.36 -12.96 -16.85
CA GLU A 63 36.32 -12.13 -16.27
C GLU A 63 36.37 -12.12 -14.75
N ILE A 64 36.68 -13.27 -14.14
CA ILE A 64 36.60 -13.39 -12.70
C ILE A 64 37.63 -12.53 -11.99
N LEU A 65 38.75 -12.20 -12.64
CA LEU A 65 39.71 -11.30 -12.01
C LEU A 65 39.10 -9.93 -11.78
N ASP A 66 38.54 -9.34 -12.84
CA ASP A 66 37.88 -8.05 -12.70
C ASP A 66 36.64 -8.14 -11.81
N GLU A 67 35.96 -9.29 -11.84
CA GLU A 67 34.80 -9.46 -10.96
C GLU A 67 35.22 -9.45 -9.50
N ALA A 68 36.32 -10.10 -9.17
CA ALA A 68 36.85 -10.04 -7.82
C ALA A 68 37.30 -8.63 -7.48
N TYR A 69 37.85 -7.91 -8.47
CA TYR A 69 38.24 -6.53 -8.24
C TYR A 69 37.04 -5.68 -7.84
N VAL A 70 35.96 -5.77 -8.61
CA VAL A 70 34.77 -4.96 -8.30
C VAL A 70 34.12 -5.44 -7.01
N MET A 71 34.20 -6.75 -6.71
CA MET A 71 33.67 -7.26 -5.45
C MET A 71 34.44 -6.70 -4.27
N ALA A 72 35.77 -6.63 -4.37
CA ALA A 72 36.58 -6.08 -3.29
C ALA A 72 36.50 -4.57 -3.22
N SER A 73 36.05 -3.91 -4.30
CA SER A 73 35.93 -2.46 -4.25
C SER A 73 34.89 -1.99 -3.24
N VAL A 74 33.88 -2.83 -2.95
CA VAL A 74 32.81 -2.41 -2.07
C VAL A 74 33.31 -2.29 -0.63
N ASP A 75 32.70 -1.37 0.12
CA ASP A 75 33.08 -1.17 1.52
C ASP A 75 31.86 -0.55 2.20
N ASN A 76 31.12 -1.37 2.95
CA ASN A 76 29.98 -0.92 3.73
C ASN A 76 29.66 -2.03 4.72
N PRO A 77 29.40 -1.70 5.98
CA PRO A 77 29.16 -2.75 6.99
C PRO A 77 27.92 -3.59 6.74
N HIS A 78 27.16 -3.32 5.67
CA HIS A 78 25.96 -4.08 5.38
C HIS A 78 26.07 -4.84 4.05
N VAL A 79 27.25 -4.86 3.44
CA VAL A 79 27.49 -5.58 2.19
C VAL A 79 28.86 -6.23 2.28
N CYS A 80 28.96 -7.46 1.77
CA CYS A 80 30.19 -8.23 1.93
C CYS A 80 31.21 -7.91 0.85
N ARG A 81 32.48 -8.05 1.21
CA ARG A 81 33.62 -7.77 0.36
C ARG A 81 34.43 -9.04 0.17
N LEU A 82 34.73 -9.36 -1.09
CA LEU A 82 35.57 -10.53 -1.37
C LEU A 82 36.98 -10.24 -0.88
N LEU A 83 37.51 -11.15 -0.07
CA LEU A 83 38.81 -10.93 0.57
C LEU A 83 39.97 -11.40 -0.31
N GLY A 84 39.78 -12.45 -1.09
CA GLY A 84 40.84 -12.95 -1.95
C GLY A 84 40.33 -14.04 -2.86
N ILE A 85 41.14 -14.34 -3.87
CA ILE A 85 40.82 -15.38 -4.84
C ILE A 85 42.03 -16.29 -5.00
N CYS A 86 41.77 -17.48 -5.52
CA CYS A 86 42.79 -18.52 -5.64
C CYS A 86 42.64 -19.18 -7.01
N LEU A 87 43.63 -18.98 -7.88
CA LEU A 87 43.55 -19.47 -9.26
C LEU A 87 44.21 -20.84 -9.40
N THR A 88 43.70 -21.80 -8.63
CA THR A 88 44.06 -23.21 -8.82
C THR A 88 43.17 -23.84 -9.87
N SER A 89 43.18 -25.18 -9.93
CA SER A 89 42.43 -25.91 -10.95
C SER A 89 41.02 -25.38 -11.15
N THR A 90 40.40 -24.87 -10.09
CA THR A 90 39.14 -24.13 -10.20
C THR A 90 39.21 -22.92 -9.28
N VAL A 91 38.79 -21.77 -9.80
CA VAL A 91 38.88 -20.53 -9.05
C VAL A 91 38.00 -20.60 -7.79
N GLN A 92 38.52 -20.06 -6.70
CA GLN A 92 37.84 -20.05 -5.41
C GLN A 92 37.76 -18.64 -4.89
N LEU A 93 36.72 -18.37 -4.09
CA LEU A 93 36.49 -17.06 -3.50
C LEU A 93 36.58 -17.17 -1.98
N ILE A 94 37.26 -16.22 -1.37
CA ILE A 94 37.49 -16.21 0.08
C ILE A 94 36.82 -14.99 0.67
N THR A 95 35.95 -15.20 1.66
CA THR A 95 35.26 -14.13 2.36
C THR A 95 35.25 -14.42 3.85
N GLN A 96 35.05 -13.37 4.64
CA GLN A 96 35.04 -13.53 6.09
C GLN A 96 33.84 -14.38 6.51
N LEU A 97 34.10 -15.35 7.37
CA LEU A 97 33.05 -16.27 7.81
C LEU A 97 32.06 -15.57 8.73
N MET A 98 30.79 -15.95 8.61
CA MET A 98 29.73 -15.39 9.44
C MET A 98 29.23 -16.46 10.40
N PRO A 99 29.45 -16.31 11.70
CA PRO A 99 29.20 -17.43 12.63
C PRO A 99 27.73 -17.80 12.78
N PHE A 100 26.80 -16.92 12.45
CA PHE A 100 25.39 -17.16 12.71
C PHE A 100 24.59 -17.54 11.47
N GLY A 101 25.28 -17.87 10.37
CA GLY A 101 24.59 -18.45 9.24
C GLY A 101 23.67 -17.48 8.51
N CYS A 102 22.81 -18.04 7.67
CA CYS A 102 21.90 -17.24 6.87
C CYS A 102 20.70 -16.80 7.69
N LEU A 103 20.11 -15.67 7.27
CA LEU A 103 18.95 -15.14 7.98
C LEU A 103 17.71 -15.99 7.77
N LEU A 104 17.61 -16.66 6.63
CA LEU A 104 16.45 -17.52 6.37
C LEU A 104 16.40 -18.66 7.39
N ASP A 105 17.51 -19.39 7.54
CA ASP A 105 17.56 -20.45 8.53
C ASP A 105 17.42 -19.91 9.95
N TYR A 106 17.90 -18.69 10.19
CA TYR A 106 17.80 -18.12 11.53
C TYR A 106 16.35 -17.81 11.89
N VAL A 107 15.60 -17.20 10.97
CA VAL A 107 14.20 -16.94 11.24
C VAL A 107 13.40 -18.23 11.27
N ARG A 108 13.82 -19.25 10.52
CA ARG A 108 13.16 -20.55 10.62
C ARG A 108 13.38 -21.18 11.97
N GLU A 109 14.59 -21.05 12.53
CA GLU A 109 14.89 -21.65 13.82
C GLU A 109 14.26 -20.87 14.97
N HIS A 110 14.15 -19.55 14.82
CA HIS A 110 13.53 -18.69 15.82
C HIS A 110 12.11 -18.28 15.41
N LYS A 111 11.37 -19.22 14.83
CA LYS A 111 10.05 -18.94 14.27
C LYS A 111 9.08 -18.43 15.33
N ASP A 112 9.25 -18.84 16.58
CA ASP A 112 8.37 -18.40 17.66
C ASP A 112 9.03 -17.40 18.61
N ASN A 113 10.28 -17.03 18.35
CA ASN A 113 11.06 -16.21 19.27
C ASN A 113 11.73 -15.05 18.56
N ILE A 114 10.98 -14.36 17.70
CA ILE A 114 11.47 -13.19 16.99
C ILE A 114 10.43 -12.07 17.14
N GLY A 115 10.89 -10.88 17.52
CA GLY A 115 10.02 -9.74 17.70
C GLY A 115 9.93 -8.86 16.46
N SER A 116 9.05 -7.87 16.55
CA SER A 116 8.85 -6.95 15.43
C SER A 116 10.04 -6.02 15.25
N GLN A 117 10.66 -5.59 16.36
CA GLN A 117 11.79 -4.69 16.28
C GLN A 117 12.95 -5.32 15.52
N TYR A 118 13.25 -6.58 15.82
CA TYR A 118 14.35 -7.26 15.14
C TYR A 118 14.10 -7.37 13.65
N LEU A 119 12.87 -7.74 13.28
CA LEU A 119 12.54 -7.91 11.86
C LEU A 119 12.60 -6.58 11.12
N LEU A 120 12.04 -5.53 11.71
CA LEU A 120 12.09 -4.22 11.05
C LEU A 120 13.53 -3.71 10.96
N ASN A 121 14.35 -3.96 11.98
CA ASN A 121 15.75 -3.57 11.91
C ASN A 121 16.48 -4.33 10.81
N TRP A 122 16.19 -5.62 10.66
CA TRP A 122 16.80 -6.40 9.59
C TRP A 122 16.40 -5.84 8.23
N CYS A 123 15.13 -5.47 8.08
CA CYS A 123 14.67 -4.87 6.83
C CYS A 123 15.40 -3.55 6.57
N VAL A 124 15.59 -2.75 7.61
CA VAL A 124 16.34 -1.49 7.49
C VAL A 124 17.76 -1.76 7.01
N GLN A 125 18.41 -2.76 7.62
CA GLN A 125 19.78 -3.08 7.25
C GLN A 125 19.89 -3.55 5.81
N ILE A 126 18.94 -4.38 5.36
CA ILE A 126 18.96 -4.84 3.97
C ILE A 126 18.74 -3.68 3.02
N ALA A 127 17.78 -2.80 3.34
CA ALA A 127 17.54 -1.65 2.48
C ALA A 127 18.78 -0.76 2.39
N LYS A 128 19.42 -0.52 3.53
CA LYS A 128 20.63 0.31 3.54
C LYS A 128 21.74 -0.33 2.71
N GLY A 129 21.95 -1.63 2.90
CA GLY A 129 23.01 -2.30 2.16
C GLY A 129 22.79 -2.30 0.66
N MET A 130 21.57 -2.60 0.22
CA MET A 130 21.39 -2.64 -1.23
C MET A 130 21.23 -1.25 -1.81
N ASN A 131 20.86 -0.25 -1.01
CA ASN A 131 20.98 1.13 -1.48
C ASN A 131 22.44 1.52 -1.67
N TYR A 132 23.32 1.06 -0.78
CA TYR A 132 24.76 1.21 -1.03
C TYR A 132 25.18 0.53 -2.30
N LEU A 133 24.67 -0.68 -2.54
CA LEU A 133 24.97 -1.40 -3.78
C LEU A 133 24.50 -0.62 -5.00
N GLU A 134 23.33 0.01 -4.89
CA GLU A 134 22.84 0.87 -5.96
C GLU A 134 23.75 2.06 -6.16
N ASP A 135 24.24 2.66 -5.06
CA ASP A 135 25.18 3.76 -5.15
C ASP A 135 26.49 3.30 -5.81
N ARG A 136 26.97 2.11 -5.45
CA ARG A 136 28.09 1.51 -6.15
C ARG A 136 27.71 1.04 -7.55
N ARG A 137 26.42 1.07 -7.88
CA ARG A 137 25.93 0.79 -9.22
C ARG A 137 26.23 -0.65 -9.63
N LEU A 138 25.76 -1.57 -8.80
CA LEU A 138 25.87 -3.01 -9.04
C LEU A 138 24.50 -3.65 -8.87
N VAL A 139 24.19 -4.61 -9.74
CA VAL A 139 22.92 -5.30 -9.72
C VAL A 139 23.13 -6.66 -9.06
N HIS A 140 22.43 -6.89 -7.95
CA HIS A 140 22.58 -8.15 -7.22
C HIS A 140 22.01 -9.32 -8.01
N ARG A 141 20.80 -9.15 -8.55
CA ARG A 141 20.12 -10.13 -9.38
C ARG A 141 19.72 -11.39 -8.61
N ASP A 142 20.15 -11.52 -7.36
CA ASP A 142 19.85 -12.73 -6.58
C ASP A 142 19.57 -12.41 -5.12
N LEU A 143 18.75 -11.40 -4.86
CA LEU A 143 18.37 -11.14 -3.48
C LEU A 143 17.36 -12.18 -3.02
N ALA A 144 17.65 -12.82 -1.89
CA ALA A 144 16.75 -13.80 -1.31
C ALA A 144 17.05 -13.87 0.19
N ALA A 145 16.14 -14.49 0.92
CA ALA A 145 16.33 -14.64 2.36
C ALA A 145 17.55 -15.49 2.66
N ARG A 146 17.77 -16.54 1.87
CA ARG A 146 18.96 -17.38 2.06
C ARG A 146 20.25 -16.65 1.72
N ASN A 147 20.19 -15.65 0.83
CA ASN A 147 21.36 -14.87 0.46
C ASN A 147 21.65 -13.75 1.44
N VAL A 148 21.06 -13.82 2.64
CA VAL A 148 21.24 -12.83 3.68
C VAL A 148 21.90 -13.51 4.87
N LEU A 149 22.97 -12.90 5.37
CA LEU A 149 23.78 -13.49 6.42
C LEU A 149 23.87 -12.55 7.62
N VAL A 150 23.96 -13.13 8.80
CA VAL A 150 23.97 -12.39 10.05
C VAL A 150 25.26 -12.69 10.80
N LYS A 151 26.03 -11.64 11.09
CA LYS A 151 27.21 -11.78 11.95
C LYS A 151 26.79 -11.74 13.41
N THR A 152 26.16 -10.65 13.82
CA THR A 152 25.49 -10.46 15.09
C THR A 152 24.03 -10.15 14.83
N PRO A 153 23.10 -10.71 15.62
CA PRO A 153 21.67 -10.59 15.28
C PRO A 153 21.20 -9.19 14.94
N GLN A 154 21.86 -8.15 15.47
CA GLN A 154 21.51 -6.78 15.14
C GLN A 154 22.28 -6.26 13.92
N HIS A 155 22.83 -7.13 13.10
CA HIS A 155 23.67 -6.68 11.99
C HIS A 155 23.68 -7.76 10.91
N VAL A 156 22.96 -7.54 9.81
CA VAL A 156 22.91 -8.46 8.69
C VAL A 156 23.50 -7.77 7.47
N LYS A 157 23.98 -8.58 6.53
CA LYS A 157 24.85 -8.07 5.48
C LYS A 157 25.02 -9.06 4.34
N ILE A 158 24.90 -8.55 3.09
CA ILE A 158 24.54 -9.33 1.90
C ILE A 158 25.78 -9.85 1.18
N THR A 159 25.61 -10.95 0.45
CA THR A 159 26.64 -11.57 -0.39
C THR A 159 26.01 -12.07 -1.69
N ASP A 160 26.75 -12.95 -2.37
CA ASP A 160 26.34 -13.60 -3.61
C ASP A 160 26.21 -12.54 -4.72
N PHE A 161 27.36 -11.99 -5.07
CA PHE A 161 27.51 -11.06 -6.19
C PHE A 161 28.21 -11.72 -7.39
N GLY A 162 28.04 -13.03 -7.55
CA GLY A 162 28.79 -13.78 -8.54
C GLY A 162 28.39 -13.58 -9.98
N LEU A 163 27.27 -12.89 -10.23
CA LEU A 163 26.85 -12.54 -11.57
C LEU A 163 26.88 -11.04 -11.83
N ALA A 164 27.55 -10.28 -10.97
CA ALA A 164 27.59 -8.84 -11.11
C ALA A 164 28.35 -8.43 -12.36
N LYS A 165 27.79 -7.47 -13.10
CA LYS A 165 28.42 -6.93 -14.30
C LYS A 165 28.36 -5.41 -14.26
N LEU A 166 29.40 -4.77 -14.78
CA LEU A 166 29.46 -3.32 -14.79
C LEU A 166 28.48 -2.75 -15.81
N LEU A 167 27.72 -1.74 -15.38
CA LEU A 167 26.75 -1.09 -16.25
C LEU A 167 26.92 0.42 -16.23
N LYS A 180 16.97 -24.73 -11.82
CA LYS A 180 16.57 -23.55 -12.57
C LYS A 180 17.18 -22.28 -11.96
N VAL A 181 16.36 -21.23 -11.88
CA VAL A 181 16.77 -19.96 -11.29
C VAL A 181 15.74 -19.61 -10.22
N PRO A 182 16.09 -18.77 -9.22
CA PRO A 182 15.12 -18.46 -8.17
C PRO A 182 13.96 -17.61 -8.67
N ILE A 183 13.05 -18.25 -9.40
CA ILE A 183 11.93 -17.53 -10.00
C ILE A 183 11.04 -16.92 -8.93
N LYS A 184 10.89 -17.59 -7.79
CA LYS A 184 10.00 -17.12 -6.75
C LYS A 184 10.41 -15.74 -6.22
N TRP A 185 11.70 -15.41 -6.28
CA TRP A 185 12.18 -14.12 -5.79
C TRP A 185 12.49 -13.15 -6.91
N MET A 186 12.12 -13.46 -8.15
CA MET A 186 12.50 -12.65 -9.30
C MET A 186 11.31 -11.85 -9.80
N ALA A 187 11.58 -10.61 -10.20
CA ALA A 187 10.55 -9.73 -10.73
C ALA A 187 10.06 -10.25 -12.08
N LEU A 188 8.80 -9.92 -12.40
CA LEU A 188 8.17 -10.47 -13.59
C LEU A 188 8.97 -10.13 -14.85
N GLU A 189 9.54 -8.92 -14.92
CA GLU A 189 10.38 -8.58 -16.06
C GLU A 189 11.63 -9.44 -16.11
N SER A 190 12.13 -9.90 -14.96
CA SER A 190 13.27 -10.82 -14.97
C SER A 190 12.85 -12.23 -15.36
N ILE A 191 11.65 -12.66 -14.97
CA ILE A 191 11.18 -13.99 -15.32
C ILE A 191 10.91 -14.08 -16.82
N LEU A 192 10.30 -13.04 -17.40
CA LEU A 192 9.91 -13.09 -18.80
C LEU A 192 10.89 -12.37 -19.73
N HIS A 193 11.11 -11.07 -19.51
CA HIS A 193 11.93 -10.25 -20.38
C HIS A 193 13.40 -10.21 -19.95
N ARG A 194 13.74 -10.81 -18.81
CA ARG A 194 15.13 -10.96 -18.38
C ARG A 194 15.86 -9.62 -18.29
N ILE A 195 15.19 -8.62 -17.72
CA ILE A 195 15.77 -7.29 -17.51
C ILE A 195 16.07 -7.15 -16.04
N TYR A 196 17.35 -7.09 -15.68
CA TYR A 196 17.78 -7.03 -14.29
C TYR A 196 18.29 -5.62 -14.00
N THR A 197 17.40 -4.78 -13.48
CA THR A 197 17.73 -3.44 -13.02
C THR A 197 17.43 -3.35 -11.53
N HIS A 198 17.67 -2.16 -10.96
CA HIS A 198 17.46 -1.98 -9.53
C HIS A 198 15.99 -2.12 -9.15
N GLN A 199 15.06 -1.97 -10.10
CA GLN A 199 13.65 -2.17 -9.78
C GLN A 199 13.34 -3.65 -9.54
N SER A 200 13.93 -4.53 -10.34
CA SER A 200 13.83 -5.96 -10.05
C SER A 200 14.47 -6.30 -8.71
N ASP A 201 15.56 -5.61 -8.37
CA ASP A 201 16.15 -5.78 -7.05
C ASP A 201 15.20 -5.32 -5.94
N VAL A 202 14.44 -4.25 -6.20
CA VAL A 202 13.45 -3.80 -5.22
C VAL A 202 12.34 -4.84 -5.07
N TRP A 203 11.93 -5.46 -6.18
CA TRP A 203 10.98 -6.56 -6.12
C TRP A 203 11.52 -7.71 -5.27
N SER A 204 12.77 -8.08 -5.50
CA SER A 204 13.39 -9.13 -4.70
C SER A 204 13.46 -8.74 -3.23
N TYR A 205 13.71 -7.45 -2.96
CA TYR A 205 13.69 -6.98 -1.58
C TYR A 205 12.32 -7.15 -0.96
N GLY A 206 11.27 -6.83 -1.71
CA GLY A 206 9.93 -7.04 -1.19
C GLY A 206 9.65 -8.49 -0.86
N VAL A 207 10.09 -9.40 -1.74
CA VAL A 207 9.94 -10.83 -1.47
C VAL A 207 10.72 -11.22 -0.22
N THR A 208 11.91 -10.63 -0.05
CA THR A 208 12.72 -10.91 1.13
C THR A 208 12.03 -10.46 2.40
N VAL A 209 11.42 -9.27 2.38
CA VAL A 209 10.67 -8.80 3.53
C VAL A 209 9.49 -9.73 3.82
N TRP A 210 8.82 -10.21 2.77
CA TRP A 210 7.75 -11.18 2.96
C TRP A 210 8.27 -12.41 3.69
N GLU A 211 9.39 -12.96 3.21
CA GLU A 211 9.93 -14.17 3.82
C GLU A 211 10.33 -13.94 5.27
N LEU A 212 10.97 -12.80 5.55
CA LEU A 212 11.35 -12.50 6.93
C LEU A 212 10.12 -12.33 7.80
N MET A 213 9.03 -11.80 7.25
CA MET A 213 7.81 -11.64 8.02
C MET A 213 7.20 -13.00 8.35
N THR A 214 7.17 -13.92 7.40
CA THR A 214 6.60 -15.25 7.57
C THR A 214 7.52 -16.19 8.32
N PHE A 215 8.62 -15.68 8.88
CA PHE A 215 9.59 -16.49 9.60
C PHE A 215 10.15 -17.61 8.71
N GLY A 216 10.36 -17.29 7.45
CA GLY A 216 11.00 -18.23 6.54
C GLY A 216 10.08 -19.15 5.79
N SER A 217 8.79 -18.85 5.74
CA SER A 217 7.87 -19.69 4.97
C SER A 217 8.22 -19.62 3.48
N LYS A 218 7.88 -20.69 2.77
CA LYS A 218 8.20 -20.76 1.35
C LYS A 218 7.40 -19.71 0.57
N PRO A 219 7.97 -19.13 -0.48
CA PRO A 219 7.20 -18.26 -1.36
C PRO A 219 6.54 -18.94 -2.54
N TYR A 220 5.24 -18.72 -2.68
CA TYR A 220 4.42 -19.42 -3.68
C TYR A 220 4.55 -20.94 -3.51
N ASP A 221 4.40 -21.39 -2.27
CA ASP A 221 4.56 -22.81 -1.95
C ASP A 221 3.48 -23.63 -2.64
N GLY A 222 3.88 -24.78 -3.17
CA GLY A 222 2.96 -25.68 -3.84
C GLY A 222 2.87 -25.49 -5.34
N ILE A 223 3.28 -24.34 -5.86
CA ILE A 223 3.28 -24.08 -7.30
C ILE A 223 4.71 -24.18 -7.80
N PRO A 224 5.03 -25.11 -8.70
CA PRO A 224 6.39 -25.21 -9.24
C PRO A 224 6.77 -23.96 -10.01
N ALA A 225 8.09 -23.83 -10.26
CA ALA A 225 8.63 -22.62 -10.85
C ALA A 225 8.18 -22.40 -12.29
N SER A 226 7.68 -23.43 -12.97
CA SER A 226 7.31 -23.28 -14.37
C SER A 226 6.08 -22.41 -14.57
N GLU A 227 5.32 -22.12 -13.52
CA GLU A 227 4.08 -21.38 -13.64
C GLU A 227 4.05 -20.10 -12.81
N ILE A 228 5.14 -19.74 -12.13
CA ILE A 228 5.12 -18.57 -11.27
C ILE A 228 5.05 -17.28 -12.08
N SER A 229 5.37 -17.34 -13.38
CA SER A 229 5.18 -16.17 -14.23
C SER A 229 3.71 -15.91 -14.50
N SER A 230 2.95 -16.97 -14.77
CA SER A 230 1.54 -16.80 -15.12
C SER A 230 0.72 -16.30 -13.94
N ILE A 231 0.97 -16.83 -12.74
CA ILE A 231 0.22 -16.39 -11.56
C ILE A 231 0.53 -14.93 -11.26
N LEU A 232 1.79 -14.52 -11.41
CA LEU A 232 2.15 -13.11 -11.24
C LEU A 232 1.45 -12.24 -12.28
N GLU A 233 1.42 -12.69 -13.53
CA GLU A 233 0.70 -11.97 -14.57
C GLU A 233 -0.79 -11.92 -14.29
N LYS A 234 -1.35 -13.04 -13.81
CA LYS A 234 -2.78 -13.08 -13.52
C LYS A 234 -3.15 -12.10 -12.42
N GLY A 235 -2.29 -11.94 -11.42
CA GLY A 235 -2.53 -10.94 -10.39
C GLY A 235 -2.25 -11.40 -8.98
N GLU A 236 -2.34 -12.70 -8.73
CA GLU A 236 -2.16 -13.21 -7.37
C GLU A 236 -0.72 -12.97 -6.93
N ARG A 237 -0.58 -12.41 -5.73
CA ARG A 237 0.72 -12.14 -5.13
C ARG A 237 0.84 -12.86 -3.80
N LEU A 238 1.90 -12.57 -3.08
CA LEU A 238 2.19 -13.27 -1.84
C LEU A 238 1.22 -12.82 -0.76
N PRO A 239 0.55 -13.76 -0.09
CA PRO A 239 -0.52 -13.39 0.84
C PRO A 239 0.01 -12.66 2.07
N GLN A 240 -0.90 -11.93 2.71
CA GLN A 240 -0.55 -11.18 3.90
C GLN A 240 -0.28 -12.11 5.07
N PRO A 241 0.91 -12.09 5.66
CA PRO A 241 1.16 -12.96 6.80
C PRO A 241 0.33 -12.53 7.99
N PRO A 242 0.01 -13.44 8.89
CA PRO A 242 -0.74 -13.07 10.10
C PRO A 242 -0.01 -12.06 10.97
N ILE A 243 1.32 -12.08 10.98
CA ILE A 243 2.10 -11.12 11.75
C ILE A 243 1.95 -9.70 11.22
N CYS A 244 1.63 -9.53 9.94
CA CYS A 244 1.72 -8.24 9.29
C CYS A 244 0.45 -7.42 9.44
N THR A 245 0.63 -6.11 9.58
CA THR A 245 -0.47 -5.17 9.50
C THR A 245 -0.72 -4.82 8.05
N ILE A 246 -1.68 -3.93 7.78
CA ILE A 246 -1.88 -3.39 6.44
C ILE A 246 -0.88 -2.29 6.13
N ASP A 247 -0.34 -1.62 7.15
CA ASP A 247 0.66 -0.60 6.94
C ASP A 247 1.91 -1.20 6.30
N VAL A 248 2.54 -2.16 6.99
CA VAL A 248 3.77 -2.75 6.50
C VAL A 248 3.55 -3.55 5.23
N TYR A 249 2.47 -4.34 5.16
CA TYR A 249 2.25 -5.18 4.00
C TYR A 249 1.99 -4.40 2.73
N MET A 250 1.18 -3.35 2.76
CA MET A 250 0.91 -2.64 1.53
C MET A 250 2.15 -1.92 1.03
N ILE A 251 2.96 -1.41 1.96
CA ILE A 251 4.33 -1.03 1.67
C ILE A 251 5.19 -2.22 1.29
N MET A 252 4.95 -3.38 1.91
CA MET A 252 5.62 -4.61 1.52
C MET A 252 5.15 -5.15 0.18
N VAL A 253 4.24 -4.45 -0.49
CA VAL A 253 3.97 -4.85 -1.86
C VAL A 253 4.70 -3.88 -2.75
N LYS A 254 4.14 -2.68 -2.96
CA LYS A 254 4.82 -1.48 -3.44
C LYS A 254 5.73 -1.70 -4.65
N CYS A 255 5.94 -2.96 -5.02
CA CYS A 255 7.01 -3.35 -5.92
C CYS A 255 6.57 -4.41 -6.91
N TRP A 256 5.42 -5.03 -6.67
CA TRP A 256 5.00 -6.19 -7.44
C TRP A 256 4.14 -5.81 -8.64
N MET A 257 3.99 -4.52 -8.91
CA MET A 257 3.34 -4.10 -10.14
C MET A 257 4.28 -4.28 -11.32
N ILE A 258 3.70 -4.42 -12.50
CA ILE A 258 4.49 -4.64 -13.71
C ILE A 258 5.35 -3.41 -14.01
N ASP A 259 4.80 -2.22 -13.81
CA ASP A 259 5.55 -0.99 -14.06
C ASP A 259 6.71 -0.88 -13.08
N ALA A 260 7.94 -0.86 -13.62
CA ALA A 260 9.11 -0.88 -12.76
C ALA A 260 9.29 0.44 -12.00
N ASP A 261 9.01 1.57 -12.65
CA ASP A 261 9.26 2.86 -12.02
C ASP A 261 8.33 3.09 -10.84
N SER A 262 7.16 2.43 -10.82
CA SER A 262 6.24 2.58 -9.71
C SER A 262 6.79 1.99 -8.42
N ARG A 263 7.79 1.12 -8.50
CA ARG A 263 8.37 0.53 -7.30
C ARG A 263 9.18 1.59 -6.56
N PRO A 264 9.24 1.51 -5.23
CA PRO A 264 9.90 2.57 -4.47
C PRO A 264 11.41 2.45 -4.55
N LYS A 265 12.07 3.60 -4.64
CA LYS A 265 13.52 3.61 -4.63
C LYS A 265 14.03 3.26 -3.23
N PHE A 266 15.28 2.81 -3.18
CA PHE A 266 15.83 2.27 -1.95
C PHE A 266 15.94 3.32 -0.85
N ARG A 267 16.33 4.55 -1.20
CA ARG A 267 16.49 5.58 -0.17
C ARG A 267 15.16 5.87 0.53
N GLU A 268 14.07 5.93 -0.23
CA GLU A 268 12.75 6.07 0.38
C GLU A 268 12.46 4.89 1.30
N LEU A 269 12.86 3.68 0.88
CA LEU A 269 12.64 2.51 1.71
C LEU A 269 13.38 2.62 3.03
N ILE A 270 14.64 3.07 3.00
CA ILE A 270 15.40 3.19 4.25
C ILE A 270 14.79 4.25 5.15
N ILE A 271 14.45 5.42 4.59
CA ILE A 271 13.95 6.49 5.45
C ILE A 271 12.60 6.10 6.05
N GLU A 272 11.75 5.47 5.26
CA GLU A 272 10.45 5.02 5.75
C GLU A 272 10.56 3.90 6.77
N PHE A 273 11.42 2.90 6.53
CA PHE A 273 11.57 1.82 7.50
C PHE A 273 12.21 2.31 8.80
N SER A 274 13.13 3.28 8.70
CA SER A 274 13.65 3.91 9.92
C SER A 274 12.56 4.67 10.66
N LYS A 275 11.68 5.34 9.92
CA LYS A 275 10.48 5.88 10.54
C LYS A 275 9.65 4.77 11.18
N MET A 276 9.63 3.58 10.56
CA MET A 276 8.92 2.45 11.15
C MET A 276 9.63 1.96 12.41
N ALA A 277 10.96 1.91 12.39
CA ALA A 277 11.72 1.33 13.49
C ALA A 277 11.59 2.15 14.77
N ARG A 278 11.09 3.38 14.69
CA ARG A 278 10.93 4.19 15.89
C ARG A 278 9.92 3.55 16.85
N ASP A 279 8.80 3.06 16.33
CA ASP A 279 7.76 2.40 17.13
C ASP A 279 7.38 1.11 16.43
N PRO A 280 8.19 0.05 16.57
CA PRO A 280 7.91 -1.19 15.83
C PRO A 280 6.78 -2.01 16.43
N GLN A 281 6.54 -1.91 17.74
CA GLN A 281 5.51 -2.73 18.36
C GLN A 281 4.13 -2.42 17.79
N ARG A 282 3.84 -1.14 17.57
CA ARG A 282 2.53 -0.77 17.03
C ARG A 282 2.34 -1.28 15.60
N TYR A 283 3.41 -1.34 14.81
CA TYR A 283 3.27 -1.52 13.38
C TYR A 283 3.26 -2.99 12.96
N LEU A 284 3.44 -3.91 13.91
CA LEU A 284 3.34 -5.35 13.66
C LEU A 284 2.66 -6.00 14.85
N VAL A 285 2.02 -7.14 14.60
CA VAL A 285 1.33 -7.89 15.64
C VAL A 285 2.05 -9.22 15.84
N ILE A 286 2.49 -9.47 17.07
CA ILE A 286 3.13 -10.72 17.45
C ILE A 286 2.35 -11.27 18.64
N GLN A 287 1.86 -12.50 18.51
CA GLN A 287 1.12 -13.10 19.61
C GLN A 287 2.09 -13.60 20.67
N GLY A 288 1.55 -13.82 21.87
CA GLY A 288 2.34 -14.31 22.98
C GLY A 288 2.54 -13.28 24.07
N GLU A 353 -2.05 4.94 19.29
CA GLU A 353 -1.11 4.00 18.70
C GLU A 353 -1.74 2.61 18.53
N ALA A 354 -2.93 2.59 17.92
CA ALA A 354 -3.64 1.34 17.69
C ALA A 354 -3.11 0.67 16.44
N PRO A 355 -2.66 -0.59 16.51
CA PRO A 355 -2.22 -1.29 15.30
C PRO A 355 -3.36 -1.39 14.29
N ASN A 356 -3.01 -1.29 13.02
CA ASN A 356 -3.99 -1.37 11.94
C ASN A 356 -3.99 -2.80 11.40
N GLN A 357 -4.84 -3.64 11.97
CA GLN A 357 -4.92 -5.05 11.59
C GLN A 357 -5.82 -5.30 10.40
N ALA A 358 -6.02 -4.29 9.55
CA ALA A 358 -6.88 -4.45 8.38
C ALA A 358 -6.34 -5.55 7.47
N LEU A 359 -7.25 -6.40 6.99
CA LEU A 359 -6.88 -7.52 6.14
C LEU A 359 -7.11 -7.15 4.68
N LEU A 360 -6.04 -7.22 3.89
CA LEU A 360 -6.10 -6.96 2.46
C LEU A 360 -5.70 -8.25 1.75
N ARG A 361 -6.57 -8.76 0.89
CA ARG A 361 -6.31 -10.00 0.18
C ARG A 361 -6.19 -9.75 -1.32
N ILE A 362 -5.32 -10.53 -1.95
CA ILE A 362 -5.06 -10.42 -3.38
C ILE A 362 -5.87 -11.48 -4.09
N LEU A 363 -6.59 -11.07 -5.14
CA LEU A 363 -7.51 -11.95 -5.84
C LEU A 363 -7.08 -12.09 -7.30
N LYS A 364 -7.30 -13.27 -7.86
CA LYS A 364 -6.96 -13.53 -9.25
C LYS A 364 -7.84 -12.68 -10.16
N GLU A 365 -7.30 -12.34 -11.33
CA GLU A 365 -8.14 -11.74 -12.36
C GLU A 365 -9.17 -12.72 -12.88
N THR A 366 -8.88 -14.02 -12.77
CA THR A 366 -9.81 -15.06 -13.23
C THR A 366 -10.93 -15.31 -12.23
N GLU A 367 -10.78 -14.89 -10.97
CA GLU A 367 -11.81 -15.13 -9.98
C GLU A 367 -13.09 -14.32 -10.24
N PHE A 368 -12.99 -13.23 -10.99
CA PHE A 368 -14.13 -12.35 -11.21
C PHE A 368 -14.18 -11.88 -12.66
N LYS A 369 -15.36 -11.44 -13.07
CA LYS A 369 -15.61 -10.96 -14.42
C LYS A 369 -16.43 -9.69 -14.37
N LYS A 370 -16.08 -8.73 -15.21
CA LYS A 370 -16.77 -7.44 -15.24
C LYS A 370 -18.02 -7.55 -16.11
N ILE A 371 -19.19 -7.44 -15.50
CA ILE A 371 -20.44 -7.66 -16.22
C ILE A 371 -21.05 -6.33 -16.67
N LYS A 372 -21.37 -5.45 -15.71
CA LYS A 372 -22.07 -4.22 -15.99
C LYS A 372 -21.19 -3.01 -15.69
N VAL A 373 -21.28 -2.00 -16.54
CA VAL A 373 -20.54 -0.75 -16.35
C VAL A 373 -21.40 0.16 -15.47
N LEU A 374 -20.90 0.48 -14.28
CA LEU A 374 -21.64 1.36 -13.40
C LEU A 374 -21.52 2.83 -13.78
N GLY A 375 -20.56 3.15 -14.63
CA GLY A 375 -20.32 4.52 -15.05
C GLY A 375 -18.84 4.82 -14.99
N SER A 376 -18.51 6.11 -15.04
CA SER A 376 -17.13 6.58 -14.98
C SER A 376 -16.94 7.34 -13.68
N GLY A 377 -15.97 6.91 -12.87
CA GLY A 377 -15.61 7.62 -11.67
C GLY A 377 -14.64 8.76 -11.95
N ALA A 378 -14.22 9.41 -10.86
CA ALA A 378 -13.27 10.52 -10.99
C ALA A 378 -11.92 10.04 -11.53
N PHE A 379 -11.45 8.89 -11.04
CA PHE A 379 -10.14 8.37 -11.43
C PHE A 379 -10.21 7.36 -12.57
N GLY A 380 -11.40 7.00 -13.04
CA GLY A 380 -11.50 6.02 -14.10
C GLY A 380 -12.92 5.50 -14.27
N THR A 381 -13.01 4.26 -14.73
CA THR A 381 -14.28 3.61 -14.99
C THR A 381 -14.50 2.46 -14.00
N VAL A 382 -15.71 2.35 -13.48
CA VAL A 382 -16.08 1.34 -12.51
C VAL A 382 -17.03 0.35 -13.16
N TYR A 383 -16.72 -0.94 -13.04
CA TYR A 383 -17.54 -2.01 -13.59
C TYR A 383 -18.14 -2.83 -12.47
N LYS A 384 -19.29 -3.46 -12.77
CA LYS A 384 -19.99 -4.34 -11.85
C LYS A 384 -20.00 -5.75 -12.40
N GLY A 385 -19.69 -6.73 -11.55
CA GLY A 385 -19.71 -8.11 -11.98
C GLY A 385 -19.68 -9.06 -10.80
N LEU A 386 -19.97 -10.31 -11.09
CA LEU A 386 -19.94 -11.36 -10.08
C LEU A 386 -18.49 -11.78 -9.81
N TRP A 387 -18.21 -12.04 -8.53
CA TRP A 387 -16.90 -12.48 -8.09
C TRP A 387 -17.00 -13.90 -7.54
N ILE A 388 -16.15 -14.78 -8.03
CA ILE A 388 -16.12 -16.17 -7.57
C ILE A 388 -14.95 -16.34 -6.61
N PRO A 389 -15.19 -16.50 -5.31
CA PRO A 389 -14.09 -16.67 -4.38
C PRO A 389 -13.67 -18.13 -4.26
N GLU A 390 -12.44 -18.33 -3.82
CA GLU A 390 -11.88 -19.69 -3.69
C GLU A 390 -12.53 -20.40 -2.52
N GLY A 391 -13.06 -21.60 -2.78
CA GLY A 391 -13.66 -22.43 -1.76
C GLY A 391 -15.15 -22.23 -1.57
N GLU A 392 -15.71 -21.14 -2.10
CA GLU A 392 -17.13 -20.84 -1.96
C GLU A 392 -17.71 -20.59 -3.35
N LYS A 393 -18.67 -21.43 -3.75
CA LYS A 393 -19.23 -21.33 -5.08
C LYS A 393 -20.16 -20.11 -5.25
N VAL A 394 -20.68 -19.57 -4.15
CA VAL A 394 -21.64 -18.49 -4.24
C VAL A 394 -20.98 -17.26 -4.85
N LYS A 395 -21.62 -16.69 -5.86
CA LYS A 395 -21.09 -15.54 -6.58
C LYS A 395 -21.55 -14.26 -5.90
N ILE A 396 -20.61 -13.51 -5.34
CA ILE A 396 -20.90 -12.24 -4.71
C ILE A 396 -20.75 -11.15 -5.77
N PRO A 397 -21.82 -10.46 -6.16
CA PRO A 397 -21.66 -9.35 -7.11
C PRO A 397 -20.84 -8.22 -6.49
N VAL A 398 -19.78 -7.83 -7.20
CA VAL A 398 -18.86 -6.82 -6.72
C VAL A 398 -18.70 -5.74 -7.79
N ALA A 399 -18.27 -4.57 -7.32
CA ALA A 399 -17.95 -3.44 -8.19
C ALA A 399 -16.44 -3.33 -8.31
N ILE A 400 -15.94 -3.34 -9.54
CA ILE A 400 -14.51 -3.29 -9.81
C ILE A 400 -14.20 -1.90 -10.37
N LYS A 401 -13.10 -1.32 -9.92
CA LYS A 401 -12.65 -0.03 -10.42
C LYS A 401 -11.19 -0.12 -10.83
N GLU A 402 -10.85 0.58 -11.91
CA GLU A 402 -9.52 0.50 -12.49
C GLU A 402 -8.72 1.77 -12.25
N ALA A 406 -1.84 1.96 -19.17
CA ALA A 406 -0.88 1.92 -18.08
C ALA A 406 -1.01 3.15 -17.20
N THR A 407 -1.37 2.93 -15.93
CA THR A 407 -1.53 4.04 -15.00
C THR A 407 -0.17 4.67 -14.68
N SER A 408 -0.18 5.98 -14.49
CA SER A 408 1.04 6.70 -14.20
C SER A 408 1.53 6.33 -12.79
N PRO A 409 2.84 6.48 -12.54
CA PRO A 409 3.34 6.19 -11.18
C PRO A 409 2.66 7.01 -10.10
N LYS A 410 2.35 8.28 -10.38
CA LYS A 410 1.58 9.08 -9.44
C LYS A 410 0.20 8.49 -9.22
N ALA A 411 -0.45 8.04 -10.31
CA ALA A 411 -1.74 7.37 -10.18
C ALA A 411 -1.61 6.08 -9.39
N ASN A 412 -0.50 5.35 -9.58
CA ASN A 412 -0.30 4.13 -8.82
C ASN A 412 -0.15 4.41 -7.33
N LYS A 413 0.60 5.46 -6.98
CA LYS A 413 0.75 5.82 -5.57
C LYS A 413 -0.59 6.28 -4.98
N GLU A 414 -1.37 7.03 -5.76
CA GLU A 414 -2.69 7.46 -5.29
C GLU A 414 -3.61 6.27 -5.07
N ILE A 415 -3.59 5.29 -5.97
CA ILE A 415 -4.42 4.10 -5.80
C ILE A 415 -3.91 3.27 -4.62
N LEU A 416 -2.60 3.31 -4.36
CA LEU A 416 -2.04 2.69 -3.17
C LEU A 416 -2.65 3.29 -1.91
N ASP A 417 -2.63 4.62 -1.82
CA ASP A 417 -3.21 5.29 -0.66
C ASP A 417 -4.70 5.02 -0.55
N GLU A 418 -5.40 5.02 -1.68
CA GLU A 418 -6.84 4.79 -1.67
C GLU A 418 -7.16 3.38 -1.17
N ALA A 419 -6.40 2.38 -1.63
CA ALA A 419 -6.62 1.02 -1.17
C ALA A 419 -6.35 0.90 0.32
N TYR A 420 -5.26 1.53 0.80
CA TYR A 420 -4.99 1.54 2.23
C TYR A 420 -6.18 2.11 3.00
N VAL A 421 -6.64 3.30 2.60
CA VAL A 421 -7.69 3.97 3.36
C VAL A 421 -8.98 3.16 3.34
N MET A 422 -9.33 2.62 2.17
CA MET A 422 -10.60 1.89 2.06
C MET A 422 -10.54 0.57 2.82
N ALA A 423 -9.40 -0.11 2.82
CA ALA A 423 -9.30 -1.35 3.58
C ALA A 423 -9.24 -1.09 5.08
N SER A 424 -8.74 0.07 5.49
CA SER A 424 -8.56 0.34 6.91
C SER A 424 -9.87 0.65 7.64
N VAL A 425 -10.96 0.88 6.92
CA VAL A 425 -12.21 1.30 7.53
C VAL A 425 -13.14 0.10 7.65
N ASP A 426 -13.96 0.10 8.71
CA ASP A 426 -15.00 -0.91 8.90
C ASP A 426 -16.15 -0.24 9.64
N ASN A 427 -17.13 0.25 8.89
CA ASN A 427 -18.28 0.94 9.46
C ASN A 427 -19.51 0.56 8.66
N PRO A 428 -20.68 0.45 9.30
CA PRO A 428 -21.88 0.03 8.58
C PRO A 428 -22.30 0.96 7.45
N HIS A 429 -21.85 2.21 7.45
CA HIS A 429 -22.26 3.17 6.42
C HIS A 429 -21.11 3.66 5.56
N VAL A 430 -19.96 2.99 5.59
CA VAL A 430 -18.84 3.29 4.70
C VAL A 430 -18.52 2.03 3.91
N CYS A 431 -18.19 2.21 2.63
CA CYS A 431 -17.85 1.09 1.78
C CYS A 431 -16.52 0.48 2.22
N ARG A 432 -16.47 -0.84 2.25
CA ARG A 432 -15.29 -1.57 2.69
C ARG A 432 -14.61 -2.24 1.50
N LEU A 433 -13.31 -2.47 1.63
CA LEU A 433 -12.51 -3.08 0.57
C LEU A 433 -12.45 -4.59 0.77
N LEU A 434 -12.95 -5.32 -0.21
CA LEU A 434 -12.81 -6.78 -0.18
C LEU A 434 -11.38 -7.19 -0.50
N GLY A 435 -10.77 -6.58 -1.49
CA GLY A 435 -9.41 -6.89 -1.87
C GLY A 435 -9.00 -6.06 -3.07
N ILE A 436 -7.76 -6.26 -3.50
CA ILE A 436 -7.21 -5.58 -4.66
C ILE A 436 -6.59 -6.61 -5.61
N CYS A 437 -6.55 -6.25 -6.89
CA CYS A 437 -5.91 -7.05 -7.91
C CYS A 437 -4.68 -6.29 -8.41
N LEU A 438 -3.51 -6.90 -8.25
CA LEU A 438 -2.25 -6.24 -8.57
C LEU A 438 -1.79 -6.60 -9.98
N THR A 439 -2.66 -6.30 -10.95
CA THR A 439 -2.34 -6.48 -12.35
C THR A 439 -1.54 -5.25 -12.81
N SER A 440 -1.29 -5.13 -14.12
CA SER A 440 -0.63 -3.94 -14.65
C SER A 440 -1.42 -2.68 -14.31
N THR A 441 -2.75 -2.74 -14.39
CA THR A 441 -3.63 -1.69 -13.89
C THR A 441 -4.23 -2.19 -12.59
N VAL A 442 -3.90 -1.52 -11.49
CA VAL A 442 -4.36 -1.98 -10.18
C VAL A 442 -5.87 -1.88 -10.11
N GLN A 443 -6.52 -2.98 -9.75
CA GLN A 443 -7.97 -3.09 -9.76
C GLN A 443 -8.49 -3.18 -8.33
N LEU A 444 -9.62 -2.54 -8.09
CA LEU A 444 -10.17 -2.37 -6.75
C LEU A 444 -11.49 -3.13 -6.67
N ILE A 445 -11.63 -3.97 -5.64
CA ILE A 445 -12.73 -4.91 -5.53
C ILE A 445 -13.55 -4.57 -4.29
N THR A 446 -14.81 -4.18 -4.50
CA THR A 446 -15.69 -3.81 -3.39
C THR A 446 -17.09 -4.33 -3.63
N GLN A 447 -17.85 -4.46 -2.55
CA GLN A 447 -19.19 -5.01 -2.60
C GLN A 447 -20.11 -4.12 -3.43
N LEU A 448 -21.02 -4.74 -4.17
CA LEU A 448 -21.92 -4.01 -5.04
C LEU A 448 -23.22 -3.66 -4.35
N MET A 449 -23.71 -2.44 -4.62
CA MET A 449 -25.03 -2.02 -4.18
C MET A 449 -25.98 -2.12 -5.36
N PRO A 450 -27.12 -2.79 -5.23
CA PRO A 450 -27.93 -3.10 -6.42
C PRO A 450 -28.59 -1.89 -7.05
N PHE A 451 -28.94 -0.88 -6.26
CA PHE A 451 -29.70 0.26 -6.78
C PHE A 451 -28.82 1.39 -7.31
N GLY A 452 -27.52 1.35 -7.07
CA GLY A 452 -26.64 2.40 -7.53
C GLY A 452 -26.46 3.51 -6.52
N CYS A 453 -26.00 4.65 -7.03
CA CYS A 453 -25.71 5.80 -6.18
C CYS A 453 -27.01 6.49 -5.75
N LEU A 454 -26.90 7.29 -4.69
CA LEU A 454 -28.07 7.96 -4.14
C LEU A 454 -28.61 9.04 -5.08
N LEU A 455 -27.72 9.78 -5.74
CA LEU A 455 -28.16 10.87 -6.60
C LEU A 455 -29.02 10.34 -7.76
N ASP A 456 -28.56 9.28 -8.41
CA ASP A 456 -29.35 8.69 -9.49
C ASP A 456 -30.64 8.07 -8.95
N TYR A 457 -30.59 7.50 -7.75
CA TYR A 457 -31.79 6.92 -7.15
C TYR A 457 -32.86 7.97 -6.91
N VAL A 458 -32.47 9.14 -6.39
CA VAL A 458 -33.44 10.20 -6.17
C VAL A 458 -33.80 10.92 -7.46
N ARG A 459 -32.97 10.83 -8.49
CA ARG A 459 -33.34 11.41 -9.77
C ARG A 459 -34.40 10.57 -10.49
N GLU A 460 -34.23 9.24 -10.47
CA GLU A 460 -35.18 8.38 -11.18
C GLU A 460 -36.50 8.28 -10.42
N HIS A 461 -36.44 8.11 -9.10
CA HIS A 461 -37.64 7.96 -8.29
C HIS A 461 -38.10 9.28 -7.68
N LYS A 462 -37.89 10.40 -8.39
CA LYS A 462 -38.04 11.73 -7.80
C LYS A 462 -39.40 11.94 -7.17
N ASP A 463 -40.43 11.27 -7.68
CA ASP A 463 -41.81 11.51 -7.26
C ASP A 463 -42.26 10.61 -6.12
N ASN A 464 -41.36 9.86 -5.49
CA ASN A 464 -41.81 8.87 -4.53
C ASN A 464 -41.00 8.79 -3.23
N ILE A 465 -39.95 9.60 -3.05
CA ILE A 465 -39.19 9.54 -1.81
C ILE A 465 -40.01 10.20 -0.72
N GLY A 466 -40.13 9.52 0.43
CA GLY A 466 -40.78 10.08 1.58
C GLY A 466 -39.84 10.91 2.42
N SER A 467 -40.41 11.57 3.43
CA SER A 467 -39.60 12.38 4.34
C SER A 467 -38.70 11.50 5.20
N GLN A 468 -39.23 10.36 5.67
CA GLN A 468 -38.44 9.46 6.51
C GLN A 468 -37.23 8.92 5.77
N TYR A 469 -37.40 8.61 4.47
CA TYR A 469 -36.28 8.14 3.68
C TYR A 469 -35.14 9.14 3.66
N LEU A 470 -35.45 10.40 3.34
CA LEU A 470 -34.42 11.43 3.26
C LEU A 470 -33.80 11.70 4.62
N LEU A 471 -34.62 11.74 5.68
CA LEU A 471 -34.08 11.99 7.02
C LEU A 471 -33.13 10.88 7.44
N ASN A 472 -33.53 9.61 7.24
CA ASN A 472 -32.66 8.50 7.61
C ASN A 472 -31.40 8.49 6.75
N TRP A 473 -31.52 8.89 5.49
CA TRP A 473 -30.35 9.02 4.64
C TRP A 473 -29.37 10.04 5.21
N CYS A 474 -29.90 11.18 5.66
CA CYS A 474 -29.05 12.20 6.26
C CYS A 474 -28.35 11.67 7.50
N VAL A 475 -29.09 11.00 8.38
CA VAL A 475 -28.47 10.47 9.60
C VAL A 475 -27.42 9.41 9.26
N GLN A 476 -27.67 8.60 8.24
CA GLN A 476 -26.72 7.55 7.89
C GLN A 476 -25.44 8.13 7.31
N ILE A 477 -25.56 9.13 6.43
CA ILE A 477 -24.36 9.78 5.89
C ILE A 477 -23.59 10.47 7.01
N ALA A 478 -24.33 11.11 7.94
CA ALA A 478 -23.67 11.77 9.06
C ALA A 478 -22.93 10.76 9.94
N LYS A 479 -23.54 9.59 10.17
CA LYS A 479 -22.85 8.55 10.94
C LYS A 479 -21.61 8.06 10.22
N GLY A 480 -21.71 7.87 8.90
CA GLY A 480 -20.55 7.41 8.14
C GLY A 480 -19.38 8.36 8.21
N MET A 481 -19.63 9.66 8.00
CA MET A 481 -18.53 10.61 8.09
C MET A 481 -18.12 10.90 9.52
N ASN A 482 -18.99 10.65 10.50
CA ASN A 482 -18.50 10.70 11.89
C ASN A 482 -17.49 9.60 12.14
N TYR A 483 -17.78 8.39 11.65
CA TYR A 483 -16.83 7.30 11.78
C TYR A 483 -15.54 7.60 11.01
N LEU A 484 -15.67 8.23 9.84
CA LEU A 484 -14.48 8.65 9.10
C LEU A 484 -13.68 9.69 9.88
N GLU A 485 -14.37 10.62 10.54
CA GLU A 485 -13.69 11.63 11.34
C GLU A 485 -12.92 11.00 12.49
N ASP A 486 -13.51 10.00 13.15
CA ASP A 486 -12.79 9.28 14.18
C ASP A 486 -11.55 8.59 13.64
N ARG A 487 -11.58 8.19 12.37
CA ARG A 487 -10.43 7.58 11.72
C ARG A 487 -9.48 8.61 11.10
N ARG A 488 -9.79 9.90 11.22
CA ARG A 488 -8.91 10.98 10.77
C ARG A 488 -8.65 10.92 9.28
N LEU A 489 -9.63 10.49 8.49
CA LEU A 489 -9.51 10.45 7.04
C LEU A 489 -10.46 11.50 6.46
N VAL A 490 -9.91 12.65 6.11
CA VAL A 490 -10.70 13.70 5.47
C VAL A 490 -11.10 13.22 4.09
N HIS A 491 -12.40 12.98 3.89
CA HIS A 491 -12.87 12.43 2.63
C HIS A 491 -12.57 13.36 1.47
N ARG A 492 -12.80 14.67 1.65
CA ARG A 492 -12.53 15.72 0.68
C ARG A 492 -13.41 15.65 -0.55
N ASP A 493 -14.26 14.62 -0.68
CA ASP A 493 -15.06 14.46 -1.89
C ASP A 493 -16.47 13.97 -1.60
N LEU A 494 -17.06 14.38 -0.48
CA LEU A 494 -18.43 13.98 -0.18
C LEU A 494 -19.38 14.70 -1.14
N ALA A 495 -19.86 13.95 -2.12
CA ALA A 495 -20.87 14.44 -3.05
C ALA A 495 -22.00 13.41 -3.10
N ALA A 496 -23.14 13.84 -3.66
CA ALA A 496 -24.25 12.91 -3.80
C ALA A 496 -23.89 11.72 -4.67
N ARG A 497 -22.88 11.89 -5.54
CA ARG A 497 -22.39 10.79 -6.37
C ARG A 497 -21.50 9.83 -5.60
N ASN A 498 -20.99 10.22 -4.42
CA ASN A 498 -20.08 9.39 -3.66
C ASN A 498 -20.77 8.65 -2.52
N VAL A 499 -22.09 8.70 -2.46
CA VAL A 499 -22.86 7.92 -1.50
C VAL A 499 -23.83 7.03 -2.28
N LEU A 500 -23.90 5.76 -1.90
CA LEU A 500 -24.60 4.73 -2.65
C LEU A 500 -25.80 4.23 -1.86
N VAL A 501 -26.73 3.60 -2.58
CA VAL A 501 -27.94 3.04 -1.99
C VAL A 501 -27.80 1.52 -2.08
N LYS A 502 -27.52 0.89 -0.94
CA LYS A 502 -27.58 -0.57 -0.84
C LYS A 502 -29.01 -1.02 -0.55
N THR A 503 -29.58 -0.53 0.56
CA THR A 503 -30.96 -0.71 0.92
C THR A 503 -31.57 0.66 1.21
N PRO A 504 -32.88 0.83 0.99
CA PRO A 504 -33.48 2.15 1.19
C PRO A 504 -33.25 2.72 2.57
N GLN A 505 -33.11 1.84 3.57
CA GLN A 505 -32.91 2.26 4.95
C GLN A 505 -31.45 2.19 5.39
N HIS A 506 -30.51 1.97 4.47
CA HIS A 506 -29.09 1.96 4.82
C HIS A 506 -28.27 2.30 3.58
N VAL A 507 -27.49 3.39 3.67
CA VAL A 507 -26.68 3.87 2.57
C VAL A 507 -25.22 3.90 2.99
N LYS A 508 -24.34 3.94 1.99
CA LYS A 508 -22.91 3.84 2.21
C LYS A 508 -22.18 4.91 1.41
N ILE A 509 -20.98 5.27 1.87
CA ILE A 509 -20.14 6.28 1.23
C ILE A 509 -19.01 5.58 0.50
N THR A 510 -18.63 6.12 -0.66
CA THR A 510 -17.62 5.51 -1.51
C THR A 510 -16.67 6.60 -2.03
N ASP A 511 -15.85 6.23 -3.01
CA ASP A 511 -14.92 7.15 -3.68
C ASP A 511 -13.94 7.77 -2.68
N PHE A 512 -13.12 6.91 -2.08
CA PHE A 512 -12.10 7.33 -1.13
C PHE A 512 -10.75 7.57 -1.78
N GLY A 513 -10.73 7.93 -3.07
CA GLY A 513 -9.47 8.12 -3.76
C GLY A 513 -8.68 9.31 -3.25
N LEU A 514 -9.36 10.41 -2.93
CA LEU A 514 -8.71 11.65 -2.52
C LEU A 514 -8.59 11.77 -1.01
N ALA A 515 -9.00 10.75 -0.25
CA ALA A 515 -8.95 10.83 1.19
C ALA A 515 -7.52 10.73 1.70
N LYS A 516 -7.07 11.75 2.43
CA LYS A 516 -5.74 11.80 3.00
C LYS A 516 -5.81 11.65 4.51
N LEU A 517 -5.05 10.70 5.04
CA LEU A 517 -5.03 10.46 6.48
C LEU A 517 -4.20 11.54 7.16
N LEU A 518 -4.73 12.12 8.23
CA LEU A 518 -4.06 13.19 8.96
C LEU A 518 -3.34 12.62 10.17
N GLY A 519 -2.20 13.23 10.49
CA GLY A 519 -1.41 12.80 11.62
C GLY A 519 -2.09 13.08 12.95
N ALA A 520 -1.56 12.42 13.98
CA ALA A 520 -2.13 12.59 15.32
C ALA A 520 -1.99 14.02 15.82
N GLU A 521 -1.00 14.75 15.31
CA GLU A 521 -0.80 16.14 15.68
C GLU A 521 -1.30 17.13 14.64
N GLU A 522 -1.32 16.74 13.37
CA GLU A 522 -1.78 17.64 12.32
C GLU A 522 -3.29 17.80 12.39
N LYS A 523 -3.76 19.02 12.15
CA LYS A 523 -5.18 19.33 12.13
C LYS A 523 -5.67 19.78 10.76
N GLU A 524 -4.78 20.02 9.81
CA GLU A 524 -5.15 20.48 8.48
C GLU A 524 -4.24 19.82 7.45
N TYR A 525 -4.74 19.74 6.22
CA TYR A 525 -3.97 19.19 5.11
C TYR A 525 -3.95 20.21 3.98
N HIS A 526 -2.77 20.48 3.44
CA HIS A 526 -2.56 21.46 2.39
C HIS A 526 -2.36 20.73 1.06
N ALA A 527 -3.46 20.47 0.37
CA ALA A 527 -3.38 19.87 -0.97
C ALA A 527 -2.80 20.87 -1.95
N GLU A 528 -2.00 20.37 -2.89
CA GLU A 528 -1.34 21.23 -3.87
C GLU A 528 -2.20 21.35 -5.14
N GLY A 529 -3.44 21.76 -4.94
CA GLY A 529 -4.37 21.97 -6.04
C GLY A 529 -4.67 20.69 -6.79
N GLY A 530 -4.85 20.82 -8.09
CA GLY A 530 -5.15 19.70 -8.96
C GLY A 530 -6.58 19.74 -9.48
N LYS A 531 -6.85 18.84 -10.41
CA LYS A 531 -8.19 18.73 -10.99
C LYS A 531 -9.15 18.14 -9.97
N VAL A 532 -10.17 18.92 -9.60
CA VAL A 532 -11.09 18.54 -8.53
C VAL A 532 -12.50 19.00 -8.90
N PRO A 533 -13.52 18.43 -8.24
CA PRO A 533 -14.88 18.96 -8.39
C PRO A 533 -15.05 20.29 -7.66
N ILE A 534 -14.69 21.37 -8.36
CA ILE A 534 -14.58 22.70 -7.74
C ILE A 534 -15.89 23.12 -7.08
N LYS A 535 -17.01 22.84 -7.73
CA LYS A 535 -18.31 23.38 -7.34
C LYS A 535 -18.83 22.86 -6.00
N TRP A 536 -18.05 22.06 -5.26
CA TRP A 536 -18.53 21.47 -4.03
C TRP A 536 -17.74 21.87 -2.78
N MET A 537 -16.46 22.19 -2.91
CA MET A 537 -15.61 22.41 -1.76
C MET A 537 -15.89 23.79 -1.15
N ALA A 538 -15.27 24.05 0.00
CA ALA A 538 -15.50 25.24 0.79
C ALA A 538 -14.59 26.38 0.35
N LEU A 539 -14.78 27.55 0.96
CA LEU A 539 -13.94 28.70 0.64
C LEU A 539 -12.49 28.44 1.01
N GLU A 540 -12.26 27.90 2.21
CA GLU A 540 -10.91 27.61 2.67
C GLU A 540 -10.23 26.54 1.81
N SER A 541 -10.98 25.81 1.00
CA SER A 541 -10.40 24.86 0.06
C SER A 541 -10.44 25.37 -1.37
N ILE A 542 -11.36 26.27 -1.70
CA ILE A 542 -11.41 26.82 -3.06
C ILE A 542 -10.35 27.90 -3.26
N LEU A 543 -9.88 28.53 -2.19
CA LEU A 543 -8.90 29.58 -2.32
C LEU A 543 -7.61 29.32 -1.55
N HIS A 544 -7.70 28.73 -0.36
CA HIS A 544 -6.53 28.52 0.48
C HIS A 544 -5.98 27.10 0.39
N ARG A 545 -6.60 26.23 -0.42
CA ARG A 545 -6.17 24.84 -0.57
C ARG A 545 -6.09 24.11 0.78
N ILE A 546 -6.98 24.45 1.71
CA ILE A 546 -6.97 23.86 3.03
C ILE A 546 -8.20 22.95 3.16
N TYR A 547 -7.94 21.67 3.44
CA TYR A 547 -9.00 20.69 3.65
C TYR A 547 -8.95 20.24 5.11
N THR A 548 -10.10 20.31 5.78
CA THR A 548 -10.19 19.98 7.20
C THR A 548 -11.49 19.20 7.40
N HIS A 549 -11.76 18.80 8.64
CA HIS A 549 -13.05 18.18 8.96
C HIS A 549 -14.20 19.12 8.59
N GLN A 550 -13.99 20.43 8.75
CA GLN A 550 -15.02 21.39 8.40
C GLN A 550 -15.25 21.44 6.89
N SER A 551 -14.24 21.09 6.09
CA SER A 551 -14.46 20.93 4.66
C SER A 551 -15.42 19.78 4.40
N ASP A 552 -15.26 18.68 5.13
CA ASP A 552 -16.21 17.57 5.01
C ASP A 552 -17.59 17.99 5.48
N VAL A 553 -17.66 18.85 6.51
CA VAL A 553 -18.95 19.35 6.98
C VAL A 553 -19.63 20.19 5.91
N TRP A 554 -18.85 21.05 5.25
CA TRP A 554 -19.38 21.83 4.13
C TRP A 554 -19.89 20.93 3.01
N SER A 555 -19.11 19.89 2.68
CA SER A 555 -19.56 18.94 1.67
C SER A 555 -20.82 18.23 2.10
N TYR A 556 -20.94 17.93 3.39
CA TYR A 556 -22.15 17.31 3.91
C TYR A 556 -23.35 18.23 3.73
N GLY A 557 -23.18 19.52 4.01
CA GLY A 557 -24.26 20.46 3.79
C GLY A 557 -24.67 20.54 2.34
N VAL A 558 -23.68 20.54 1.43
CA VAL A 558 -24.00 20.59 0.01
C VAL A 558 -24.74 19.31 -0.42
N THR A 559 -24.33 18.17 0.13
CA THR A 559 -25.01 16.92 -0.21
C THR A 559 -26.44 16.92 0.31
N VAL A 560 -26.66 17.46 1.51
CA VAL A 560 -28.02 17.55 2.02
C VAL A 560 -28.87 18.45 1.12
N TRP A 561 -28.30 19.57 0.68
CA TRP A 561 -29.03 20.44 -0.23
C TRP A 561 -29.36 19.72 -1.53
N GLU A 562 -28.40 18.95 -2.05
CA GLU A 562 -28.66 18.19 -3.28
C GLU A 562 -29.77 17.16 -3.07
N LEU A 563 -29.75 16.48 -1.93
CA LEU A 563 -30.76 15.47 -1.66
C LEU A 563 -32.15 16.09 -1.54
N MET A 564 -32.27 17.21 -0.81
CA MET A 564 -33.56 17.87 -0.70
C MET A 564 -34.03 18.51 -1.99
N THR A 565 -33.15 18.71 -2.98
CA THR A 565 -33.52 19.30 -4.25
C THR A 565 -33.86 18.25 -5.30
N PHE A 566 -33.88 16.96 -4.94
CA PHE A 566 -34.25 15.88 -5.83
C PHE A 566 -33.35 15.83 -7.07
N GLY A 567 -32.06 16.08 -6.87
CA GLY A 567 -31.07 15.90 -7.92
C GLY A 567 -30.78 17.10 -8.79
N SER A 568 -31.22 18.29 -8.40
CA SER A 568 -30.91 19.49 -9.17
C SER A 568 -29.43 19.84 -9.04
N LYS A 569 -28.85 20.35 -10.13
CA LYS A 569 -27.43 20.68 -10.14
C LYS A 569 -27.15 21.91 -9.28
N PRO A 570 -26.28 21.83 -8.29
CA PRO A 570 -25.94 23.02 -7.51
C PRO A 570 -25.12 24.01 -8.32
N TYR A 571 -25.36 25.30 -8.07
CA TYR A 571 -24.67 26.39 -8.76
C TYR A 571 -24.72 26.23 -10.27
N ASP A 572 -25.93 26.25 -10.81
CA ASP A 572 -26.10 26.12 -12.26
C ASP A 572 -25.66 27.40 -12.95
N GLY A 573 -24.84 27.25 -13.98
CA GLY A 573 -24.40 28.37 -14.79
C GLY A 573 -23.28 29.21 -14.23
N ILE A 574 -22.73 28.83 -13.08
CA ILE A 574 -21.67 29.60 -12.42
C ILE A 574 -20.34 28.89 -12.69
N PRO A 575 -19.33 29.59 -13.22
CA PRO A 575 -18.07 28.93 -13.56
C PRO A 575 -17.36 28.32 -12.37
N ALA A 576 -16.25 27.62 -12.62
CA ALA A 576 -15.49 27.04 -11.53
C ALA A 576 -14.74 28.10 -10.73
N SER A 577 -14.10 29.04 -11.43
CA SER A 577 -13.29 30.06 -10.76
C SER A 577 -14.15 31.12 -10.09
N GLU A 578 -15.36 31.36 -10.60
CA GLU A 578 -16.22 32.42 -10.07
C GLU A 578 -16.99 31.99 -8.84
N ILE A 579 -16.85 30.74 -8.39
CA ILE A 579 -17.52 30.31 -7.17
C ILE A 579 -17.02 31.10 -5.97
N SER A 580 -15.70 31.29 -5.88
CA SER A 580 -15.14 32.03 -4.76
C SER A 580 -15.61 33.47 -4.75
N SER A 581 -15.69 34.09 -5.94
CA SER A 581 -16.09 35.49 -6.03
C SER A 581 -17.50 35.72 -5.51
N ILE A 582 -18.42 34.81 -5.83
CA ILE A 582 -19.80 34.98 -5.39
C ILE A 582 -20.02 34.44 -3.98
N LEU A 583 -19.09 33.66 -3.44
CA LEU A 583 -19.28 33.05 -2.14
C LEU A 583 -18.54 33.75 -1.02
N GLU A 584 -17.53 34.57 -1.34
CA GLU A 584 -16.79 35.27 -0.29
C GLU A 584 -17.67 36.24 0.47
N LYS A 585 -18.72 36.76 -0.17
CA LYS A 585 -19.59 37.72 0.50
C LYS A 585 -20.40 37.04 1.59
N GLY A 586 -20.99 35.89 1.29
CA GLY A 586 -21.87 35.22 2.23
C GLY A 586 -23.15 34.69 1.61
N GLU A 587 -23.22 34.68 0.28
CA GLU A 587 -24.38 34.18 -0.43
C GLU A 587 -24.22 32.69 -0.71
N ARG A 588 -25.31 31.93 -0.55
CA ARG A 588 -25.27 30.48 -0.66
C ARG A 588 -26.33 29.97 -1.61
N LEU A 589 -26.49 28.64 -1.71
CA LEU A 589 -27.50 28.04 -2.56
C LEU A 589 -28.91 28.32 -2.05
N PRO A 590 -29.91 28.37 -2.94
CA PRO A 590 -31.27 28.76 -2.52
C PRO A 590 -31.99 27.71 -1.69
N GLN A 591 -33.24 28.00 -1.36
CA GLN A 591 -34.04 27.09 -0.55
C GLN A 591 -34.77 26.08 -1.44
N PRO A 592 -34.64 24.79 -1.18
CA PRO A 592 -35.48 23.81 -1.85
C PRO A 592 -36.92 23.98 -1.45
N PRO A 593 -37.87 23.62 -2.32
CA PRO A 593 -39.29 23.83 -1.99
C PRO A 593 -39.75 23.05 -0.78
N ILE A 594 -39.04 22.00 -0.38
CA ILE A 594 -39.51 21.10 0.67
C ILE A 594 -38.88 21.37 2.03
N CYS A 595 -37.92 22.28 2.12
CA CYS A 595 -37.19 22.51 3.36
C CYS A 595 -37.90 23.56 4.21
N THR A 596 -38.15 23.22 5.47
CA THR A 596 -38.66 24.19 6.42
C THR A 596 -37.53 25.06 6.95
N ILE A 597 -37.88 25.99 7.84
CA ILE A 597 -36.89 26.92 8.36
C ILE A 597 -35.82 26.20 9.17
N ASP A 598 -36.20 25.15 9.90
CA ASP A 598 -35.22 24.41 10.69
C ASP A 598 -34.24 23.66 9.80
N VAL A 599 -34.72 23.09 8.69
CA VAL A 599 -33.82 22.37 7.79
C VAL A 599 -32.76 23.31 7.25
N TYR A 600 -33.17 24.51 6.81
CA TYR A 600 -32.21 25.48 6.32
C TYR A 600 -31.32 26.01 7.43
N MET A 601 -31.83 26.15 8.65
CA MET A 601 -30.98 26.66 9.72
C MET A 601 -29.89 25.65 10.05
N ILE A 602 -30.20 24.35 9.99
CA ILE A 602 -29.16 23.33 10.11
C ILE A 602 -28.21 23.40 8.92
N MET A 603 -28.76 23.55 7.71
CA MET A 603 -27.94 23.49 6.51
C MET A 603 -26.94 24.63 6.45
N VAL A 604 -27.35 25.85 6.81
CA VAL A 604 -26.50 27.02 6.67
C VAL A 604 -25.27 26.92 7.56
N LYS A 605 -25.45 26.45 8.80
CA LYS A 605 -24.36 26.48 9.76
C LYS A 605 -23.13 25.72 9.27
N CYS A 606 -23.32 24.70 8.44
CA CYS A 606 -22.18 24.00 7.84
C CYS A 606 -21.45 24.86 6.82
N TRP A 607 -22.08 25.93 6.35
CA TRP A 607 -21.59 26.78 5.28
C TRP A 607 -21.05 28.12 5.79
N MET A 608 -20.83 28.23 7.09
CA MET A 608 -20.33 29.46 7.67
C MET A 608 -18.89 29.71 7.24
N ILE A 609 -18.53 31.00 7.15
CA ILE A 609 -17.18 31.37 6.76
C ILE A 609 -16.18 30.88 7.80
N ASP A 610 -16.50 31.06 9.09
CA ASP A 610 -15.64 30.62 10.17
C ASP A 610 -15.78 29.11 10.32
N ALA A 611 -14.73 28.37 9.94
CA ALA A 611 -14.80 26.91 10.00
C ALA A 611 -14.92 26.41 11.43
N ASP A 612 -14.18 27.02 12.36
CA ASP A 612 -14.22 26.61 13.75
C ASP A 612 -15.59 26.84 14.39
N SER A 613 -16.35 27.80 13.88
CA SER A 613 -17.69 28.06 14.39
C SER A 613 -18.75 27.18 13.75
N ARG A 614 -18.41 26.45 12.69
CA ARG A 614 -19.36 25.52 12.09
C ARG A 614 -19.61 24.35 13.05
N PRO A 615 -20.81 23.76 13.02
CA PRO A 615 -21.11 22.67 13.94
C PRO A 615 -20.25 21.44 13.64
N LYS A 616 -19.91 20.73 14.70
CA LYS A 616 -19.19 19.47 14.52
C LYS A 616 -20.16 18.37 14.12
N PHE A 617 -19.59 17.29 13.57
CA PHE A 617 -20.42 16.22 13.04
C PHE A 617 -21.24 15.53 14.11
N ARG A 618 -20.73 15.48 15.35
CA ARG A 618 -21.50 14.87 16.43
C ARG A 618 -22.78 15.65 16.72
N GLU A 619 -22.69 16.98 16.76
CA GLU A 619 -23.87 17.79 17.03
C GLU A 619 -24.87 17.69 15.88
N LEU A 620 -24.38 17.62 14.63
CA LEU A 620 -25.28 17.43 13.50
C LEU A 620 -25.97 16.07 13.58
N ILE A 621 -25.23 15.03 13.97
CA ILE A 621 -25.84 13.71 14.15
C ILE A 621 -26.96 13.78 15.17
N ILE A 622 -26.69 14.45 16.30
CA ILE A 622 -27.71 14.60 17.33
C ILE A 622 -28.92 15.34 16.77
N GLU A 623 -28.69 16.46 16.10
CA GLU A 623 -29.78 17.30 15.60
C GLU A 623 -30.66 16.53 14.62
N PHE A 624 -30.05 15.83 13.67
CA PHE A 624 -30.84 15.04 12.74
C PHE A 624 -31.47 13.80 13.39
N SER A 625 -30.91 13.34 14.52
CA SER A 625 -31.59 12.31 15.30
C SER A 625 -32.87 12.85 15.91
N LYS A 626 -32.85 14.09 16.42
CA LYS A 626 -34.08 14.71 16.89
C LYS A 626 -35.07 14.94 15.76
N MET A 627 -34.58 15.29 14.58
CA MET A 627 -35.47 15.45 13.43
C MET A 627 -36.14 14.14 13.05
N ALA A 628 -35.48 13.01 13.29
CA ALA A 628 -36.01 11.71 12.90
C ALA A 628 -37.23 11.30 13.71
N ARG A 629 -37.54 11.99 14.80
CA ARG A 629 -38.72 11.65 15.57
C ARG A 629 -40.02 12.01 14.87
N ASP A 630 -39.98 12.95 13.93
CA ASP A 630 -41.18 13.39 13.20
C ASP A 630 -40.77 13.85 11.81
N PRO A 631 -40.57 12.92 10.88
CA PRO A 631 -40.15 13.30 9.52
C PRO A 631 -41.14 14.18 8.79
N GLN A 632 -42.45 14.01 9.03
CA GLN A 632 -43.44 14.76 8.28
C GLN A 632 -43.49 16.22 8.68
N ARG A 633 -43.06 16.53 9.92
CA ARG A 633 -43.11 17.92 10.38
C ARG A 633 -42.11 18.79 9.60
N TYR A 634 -40.88 18.34 9.46
CA TYR A 634 -39.78 19.19 8.99
C TYR A 634 -39.69 19.27 7.47
N LEU A 635 -40.50 18.51 6.74
CA LEU A 635 -40.51 18.59 5.29
C LEU A 635 -41.95 18.65 4.82
N VAL A 636 -42.15 19.26 3.65
CA VAL A 636 -43.45 19.30 2.98
C VAL A 636 -43.31 18.59 1.65
N ILE A 637 -44.18 17.61 1.41
CA ILE A 637 -44.09 16.75 0.24
C ILE A 637 -45.33 16.97 -0.63
N GLN A 638 -45.11 17.24 -1.91
CA GLN A 638 -46.20 17.39 -2.86
C GLN A 638 -46.21 16.23 -3.84
C4 6JS B . 28.64 -18.20 6.13
C5 6JS B . 27.90 -18.49 4.98
C6 6JS B . 28.34 -17.86 3.80
N1 6JS B . 29.39 -17.05 3.88
N3 6JS B . 29.69 -17.39 6.21
CAK 6JS B . 24.98 -21.06 5.13
CAL 6JS B . 24.12 -21.29 4.01
CAM 6JS B . 24.50 -20.43 3.05
OAN 6JS B . 25.53 -19.67 3.50
CAJ 6JS B . 25.81 -20.07 4.76
CAI 6JS B . 26.89 -19.40 5.45
NAH 6JS B . 27.03 -19.61 6.73
NAG 6JS B . 28.08 -18.89 7.14
C2 6JS B . 30.00 -16.86 5.05
NAO 6JS B . 27.71 -18.04 2.63
CAP 6JS B . 27.91 -17.56 1.34
CAQ 6JS B . 29.10 -17.07 0.82
CAU 6JS B . 26.77 -17.62 0.51
OBA 6JS B . 25.67 -18.11 1.09
CBB 6JS B . 24.44 -18.10 0.36
CAT 6JS B . 26.84 -17.18 -0.80
CAS 6JS B . 28.04 -16.68 -1.31
CAR 6JS B . 29.17 -16.63 -0.51
CAV 6JS B . 30.41 -16.10 -1.07
OAZ 6JS B . 31.52 -16.86 -0.95
CAY 6JS B . 32.54 -16.20 -1.53
CAX 6JS B . 32.11 -15.02 -2.02
CAW 6JS B . 30.72 -14.95 -1.72
C4 6JS C . -22.09 0.58 -7.22
C5 6JS C . -21.36 1.75 -7.42
C6 6JS C . -20.24 1.91 -6.56
N1 6JS C . -20.00 0.98 -5.65
N3 6JS C . -21.85 -0.37 -6.31
CAK 6JS C . -22.22 4.18 -10.33
CAL 6JS C . -21.57 5.43 -10.47
CAM 6JS C . -20.77 5.57 -9.39
OAN 6JS C . -20.87 4.48 -8.60
CAJ 6JS C . -21.76 3.64 -9.18
CAI 6JS C . -22.03 2.39 -8.50
NAH 6JS C . -23.05 1.67 -8.89
NAG 6JS C . -23.08 0.59 -8.12
C2 6JS C . -20.79 -0.09 -5.58
NAO 6JS C . -19.46 3.01 -6.65
CAP 6JS C . -18.09 3.21 -6.45
CAQ 6JS C . -17.18 2.20 -6.16
CAU 6JS C . -17.65 4.54 -6.53
OBA 6JS C . -18.60 5.45 -6.81
CBB 6JS C . -18.23 6.80 -7.02
CAT 6JS C . -16.31 4.84 -6.35
CAS 6JS C . -15.41 3.83 -6.06
CAR 6JS C . -15.82 2.51 -5.97
CAV 6JS C . -14.89 1.45 -5.68
OAZ 6JS C . -14.02 1.63 -4.65
CAY 6JS C . -13.25 0.53 -4.56
CAX 6JS C . -13.59 -0.37 -5.51
CAW 6JS C . -14.66 0.23 -6.24
#